data_6WGZ
#
_entry.id   6WGZ
#
_cell.length_a   54.245
_cell.length_b   73.650
_cell.length_c   140.800
_cell.angle_alpha   90.000
_cell.angle_beta   90.000
_cell.angle_gamma   90.000
#
_symmetry.space_group_name_H-M   'P 21 21 21'
#
loop_
_entity.id
_entity.type
_entity.pdbx_description
1 polymer 'Maltodextrin-binding protein'
2 polymer 'Bcl-2-like 4'
3 polymer Bak
4 branched alpha-D-glucopyranose-(1-4)-alpha-D-glucopyranose-(1-4)-alpha-D-glucopyranose
5 non-polymer 'ACETATE ION'
6 water water
#
loop_
_entity_poly.entity_id
_entity_poly.type
_entity_poly.pdbx_seq_one_letter_code
_entity_poly.pdbx_strand_id
1 'polypeptide(L)'
;MKIEEGKLVIWINGDKGYNGLAEVGKKFEKDTGIKVTVEHPDKLEEKFPQVAATGDGPDIIFWAHDRFGGYAQSGLLAEI
TPDKAFQDKLYPFTWDAVRYNGKLIAYPIAVEALSLIYNKDLLPNPPKTWEEIPALDKELKAKGKSALMFNLQEPYFTWP
LIAADGGYAFKYENGKYDIKDVGVDNAGAKAGLTFLVDLIKNKHMNADTDYSIAEAAFNKGETAMTINGPWAWSNIDTSK
VNYGVTVLPTFKGQPSKPFVGVLSAGINAASPNKELAKEFLENYLLTDEGLEAVNKDKPLGAVALKSYEEELAKDPRIAA
TMENAQKGEIMPNIPQMSAFWYAVRTAVINAASGRQTVDEALKDAQTNSSS
;
A
2 'polypeptide(L)'
;AQEDNYKRIVKSYVGEKLRKKGLKIRGYEGEELKPPVIEIAKTLQRVGDELESANTDFFKNMCDQLQITPSTAYPTFQSI
ADEIFVSGKNWGRVVAFLTFGGNFAVHCALRADMGEEYVDRVVNWISKYMAVNLDYWINQQGGWDGFLIFFEKTKNHHHH
HH
;
B
3 'polypeptide(L)' SNGETENLGRVLASFGDEINDKYRQV C
#
loop_
_chem_comp.id
_chem_comp.type
_chem_comp.name
_chem_comp.formula
ACT non-polymer 'ACETATE ION' 'C2 H3 O2 -1'
GLC D-saccharide, alpha linking alpha-D-glucopyranose 'C6 H12 O6'
#
# COMPACT_ATOMS: atom_id res chain seq x y z
N LYS A 2 -19.19 11.61 0.92
CA LYS A 2 -18.43 12.50 1.84
C LYS A 2 -18.64 12.08 3.29
N ILE A 3 -17.58 12.18 4.09
CA ILE A 3 -17.64 11.77 5.49
C ILE A 3 -18.23 12.91 6.32
N GLU A 4 -19.50 12.80 6.65
CA GLU A 4 -20.12 13.60 7.70
C GLU A 4 -20.19 12.77 8.97
N GLU A 5 -20.58 13.44 10.06
CA GLU A 5 -20.71 12.74 11.33
C GLU A 5 -21.97 11.88 11.32
N GLY A 6 -21.89 10.72 11.94
CA GLY A 6 -23.04 9.84 12.05
C GLY A 6 -23.39 9.11 10.77
N LYS A 7 -22.41 8.89 9.90
CA LYS A 7 -22.62 8.11 8.68
C LYS A 7 -21.30 7.40 8.34
N LEU A 8 -21.42 6.25 7.69
CA LEU A 8 -20.26 5.47 7.28
C LEU A 8 -20.21 5.39 5.76
N VAL A 9 -19.13 5.88 5.19
CA VAL A 9 -18.83 5.72 3.77
C VAL A 9 -17.77 4.66 3.63
N ILE A 10 -18.03 3.66 2.79
CA ILE A 10 -17.16 2.52 2.61
C ILE A 10 -16.76 2.43 1.15
N TRP A 11 -15.47 2.18 0.91
CA TRP A 11 -14.96 1.92 -0.43
C TRP A 11 -14.53 0.47 -0.52
N ILE A 12 -14.91 -0.19 -1.61
CA ILE A 12 -14.50 -1.57 -1.86
C ILE A 12 -14.49 -1.79 -3.37
N ASN A 13 -13.54 -2.59 -3.84
CA ASN A 13 -13.32 -2.72 -5.27
C ASN A 13 -14.55 -3.33 -5.95
N GLY A 14 -14.67 -3.08 -7.25
CA GLY A 14 -15.86 -3.43 -8.01
C GLY A 14 -16.03 -4.91 -8.28
N ASP A 15 -15.01 -5.73 -8.03
CA ASP A 15 -15.13 -7.16 -8.24
C ASP A 15 -15.55 -7.92 -7.00
N LYS A 16 -15.63 -7.26 -5.85
CA LYS A 16 -16.12 -7.87 -4.63
C LYS A 16 -17.62 -7.67 -4.52
N GLY A 17 -18.22 -8.25 -3.48
CA GLY A 17 -19.66 -8.18 -3.29
C GLY A 17 -20.10 -6.92 -2.56
N TYR A 18 -20.06 -5.77 -3.24
CA TYR A 18 -20.43 -4.53 -2.59
C TYR A 18 -21.93 -4.45 -2.31
N ASN A 19 -22.74 -5.15 -3.10
CA ASN A 19 -24.18 -5.17 -2.83
C ASN A 19 -24.48 -5.94 -1.54
N GLY A 20 -23.87 -7.11 -1.38
CA GLY A 20 -24.03 -7.85 -0.15
C GLY A 20 -23.51 -7.10 1.07
N LEU A 21 -22.45 -6.29 0.88
CA LEU A 21 -21.97 -5.48 1.98
C LEU A 21 -22.97 -4.39 2.34
N ALA A 22 -23.75 -3.92 1.36
CA ALA A 22 -24.73 -2.88 1.64
C ALA A 22 -25.87 -3.41 2.51
N GLU A 23 -26.26 -4.67 2.33
CA GLU A 23 -27.33 -5.21 3.16
C GLU A 23 -26.85 -5.50 4.58
N VAL A 24 -25.54 -5.70 4.78
CA VAL A 24 -24.99 -5.62 6.13
C VAL A 24 -25.11 -4.21 6.67
N GLY A 25 -24.81 -3.21 5.82
CA GLY A 25 -24.97 -1.83 6.23
C GLY A 25 -26.41 -1.49 6.52
N LYS A 26 -27.35 -2.07 5.76
CA LYS A 26 -28.76 -1.84 6.03
C LYS A 26 -29.12 -2.33 7.43
N LYS A 27 -28.72 -3.56 7.78
CA LYS A 27 -28.97 -4.07 9.12
C LYS A 27 -28.35 -3.16 10.17
N PHE A 28 -27.18 -2.62 9.89
CA PHE A 28 -26.54 -1.69 10.83
C PHE A 28 -27.41 -0.46 11.03
N GLU A 29 -27.87 0.15 9.94
CA GLU A 29 -28.70 1.35 10.06
C GLU A 29 -29.98 1.06 10.81
N LYS A 30 -30.62 -0.08 10.52
CA LYS A 30 -31.90 -0.38 11.16
C LYS A 30 -31.76 -0.41 12.68
N ASP A 31 -30.63 -0.91 13.19
CA ASP A 31 -30.44 -0.98 14.63
C ASP A 31 -29.91 0.34 15.20
N THR A 32 -29.04 1.03 14.45
CA THR A 32 -28.32 2.17 14.98
C THR A 32 -28.80 3.52 14.44
N GLY A 33 -29.56 3.54 13.34
CA GLY A 33 -29.87 4.79 12.69
C GLY A 33 -28.72 5.41 11.93
N ILE A 34 -27.60 4.69 11.81
CA ILE A 34 -26.41 5.18 11.13
C ILE A 34 -26.48 4.71 9.68
N LYS A 35 -26.67 5.64 8.75
CA LYS A 35 -26.73 5.28 7.35
C LYS A 35 -25.35 4.85 6.84
N VAL A 36 -25.32 3.79 6.06
CA VAL A 36 -24.08 3.27 5.47
C VAL A 36 -24.18 3.45 3.95
N THR A 37 -23.15 4.04 3.35
CA THR A 37 -23.05 4.18 1.92
C THR A 37 -21.81 3.44 1.45
N VAL A 38 -21.99 2.47 0.56
CA VAL A 38 -20.90 1.67 0.02
C VAL A 38 -20.68 2.08 -1.43
N GLU A 39 -19.43 2.40 -1.77
CA GLU A 39 -19.06 2.84 -3.11
C GLU A 39 -17.92 1.97 -3.63
N HIS A 40 -17.90 1.78 -4.94
CA HIS A 40 -16.87 0.99 -5.61
C HIS A 40 -16.26 1.81 -6.74
N PRO A 41 -15.50 2.85 -6.41
CA PRO A 41 -14.91 3.69 -7.45
C PRO A 41 -13.64 3.08 -8.01
N ASP A 42 -13.38 3.40 -9.28
CA ASP A 42 -12.18 2.92 -9.94
C ASP A 42 -10.95 3.47 -9.25
N LYS A 43 -9.84 2.73 -9.37
CA LYS A 43 -8.56 3.14 -8.78
C LYS A 43 -8.74 3.53 -7.31
N LEU A 44 -9.63 2.80 -6.64
CA LEU A 44 -9.92 3.05 -5.23
C LEU A 44 -8.65 3.09 -4.38
N GLU A 45 -7.72 2.18 -4.63
CA GLU A 45 -6.50 2.11 -3.82
C GLU A 45 -5.53 3.25 -4.13
N GLU A 46 -5.61 3.83 -5.33
CA GLU A 46 -4.77 4.96 -5.67
C GLU A 46 -5.37 6.28 -5.17
N LYS A 47 -6.70 6.38 -5.15
CA LYS A 47 -7.35 7.62 -4.72
C LYS A 47 -7.31 7.78 -3.20
N PHE A 48 -7.47 6.69 -2.45
CA PHE A 48 -7.50 6.77 -1.00
C PHE A 48 -6.32 7.53 -0.42
N PRO A 49 -5.07 7.22 -0.74
CA PRO A 49 -3.96 8.01 -0.20
C PRO A 49 -4.03 9.47 -0.62
N GLN A 50 -4.61 9.76 -1.78
CA GLN A 50 -4.71 11.14 -2.22
C GLN A 50 -5.74 11.92 -1.40
N VAL A 51 -6.97 11.39 -1.30
CA VAL A 51 -8.03 12.13 -0.62
C VAL A 51 -7.93 11.99 0.89
N ALA A 52 -7.42 10.87 1.39
CA ALA A 52 -7.21 10.72 2.82
C ALA A 52 -6.13 11.66 3.33
N ALA A 53 -5.11 11.91 2.50
CA ALA A 53 -4.04 12.84 2.89
C ALA A 53 -4.59 14.22 3.21
N THR A 54 -5.71 14.59 2.59
CA THR A 54 -6.35 15.87 2.84
C THR A 54 -7.46 15.79 3.88
N GLY A 55 -7.58 14.66 4.57
CA GLY A 55 -8.64 14.50 5.54
C GLY A 55 -10.01 14.31 4.93
N ASP A 56 -10.09 13.78 3.72
CA ASP A 56 -11.34 13.41 3.09
C ASP A 56 -11.32 11.89 2.84
N GLY A 57 -12.25 11.43 2.02
CA GLY A 57 -12.28 10.04 1.63
C GLY A 57 -13.32 9.25 2.37
N PRO A 58 -13.22 7.92 2.32
CA PRO A 58 -14.17 7.06 3.03
C PRO A 58 -13.80 6.90 4.50
N ASP A 59 -14.80 6.47 5.28
CA ASP A 59 -14.52 6.04 6.65
C ASP A 59 -13.76 4.72 6.66
N ILE A 60 -14.12 3.81 5.75
CA ILE A 60 -13.59 2.44 5.73
C ILE A 60 -13.13 2.14 4.31
N ILE A 61 -11.94 1.56 4.18
CA ILE A 61 -11.40 1.16 2.89
C ILE A 61 -11.11 -0.32 2.91
N PHE A 62 -11.63 -1.03 1.91
CA PHE A 62 -11.35 -2.45 1.71
C PHE A 62 -10.32 -2.61 0.59
N TRP A 63 -9.34 -3.47 0.84
CA TRP A 63 -8.34 -3.82 -0.17
C TRP A 63 -7.48 -4.93 0.41
N ALA A 64 -6.79 -5.65 -0.48
CA ALA A 64 -5.82 -6.62 -0.01
C ALA A 64 -4.86 -5.95 0.94
N HIS A 65 -4.39 -6.71 1.93
CA HIS A 65 -3.56 -6.14 2.98
C HIS A 65 -2.27 -5.51 2.44
N ASP A 66 -1.82 -5.92 1.25
CA ASP A 66 -0.51 -5.51 0.80
C ASP A 66 -0.37 -4.01 0.61
N ARG A 67 -1.48 -3.28 0.53
CA ARG A 67 -1.45 -1.84 0.32
C ARG A 67 -1.44 -1.04 1.62
N PHE A 68 -1.82 -1.67 2.74
CA PHE A 68 -2.07 -0.94 3.97
CA PHE A 68 -2.07 -0.92 3.96
C PHE A 68 -0.79 -0.48 4.67
N GLY A 69 0.35 -1.13 4.42
CA GLY A 69 1.58 -0.66 5.03
C GLY A 69 1.94 0.74 4.58
N GLY A 70 1.77 1.02 3.29
CA GLY A 70 2.01 2.37 2.79
C GLY A 70 1.06 3.38 3.40
N TYR A 71 -0.24 3.04 3.43
CA TYR A 71 -1.20 3.91 4.10
C TYR A 71 -0.80 4.15 5.55
N ALA A 72 -0.35 3.11 6.25
CA ALA A 72 -0.03 3.22 7.66
C ALA A 72 1.11 4.20 7.90
N GLN A 73 2.21 4.04 7.18
CA GLN A 73 3.36 4.92 7.41
C GLN A 73 3.07 6.35 6.98
N SER A 74 2.04 6.57 6.17
CA SER A 74 1.56 7.92 5.87
C SER A 74 0.64 8.47 6.94
N GLY A 75 0.32 7.67 7.96
CA GLY A 75 -0.58 8.12 9.01
C GLY A 75 -2.03 8.19 8.58
N LEU A 76 -2.44 7.38 7.60
CA LEU A 76 -3.79 7.43 7.07
C LEU A 76 -4.74 6.42 7.69
N LEU A 77 -4.23 5.47 8.48
CA LEU A 77 -5.04 4.43 9.08
C LEU A 77 -4.98 4.53 10.60
N ALA A 78 -6.14 4.36 11.23
CA ALA A 78 -6.21 4.32 12.68
C ALA A 78 -5.76 2.96 13.19
N GLU A 79 -5.08 2.95 14.33
CA GLU A 79 -4.80 1.69 15.00
C GLU A 79 -6.11 1.07 15.44
N ILE A 80 -6.28 -0.22 15.16
CA ILE A 80 -7.45 -0.96 15.58
C ILE A 80 -7.08 -1.78 16.81
N THR A 81 -7.94 -1.74 17.82
CA THR A 81 -7.63 -2.26 19.16
C THR A 81 -8.76 -3.16 19.63
N PRO A 82 -8.91 -4.32 19.02
CA PRO A 82 -9.94 -5.25 19.47
C PRO A 82 -9.57 -5.85 20.82
N ASP A 83 -10.59 -6.12 21.63
CA ASP A 83 -10.34 -6.81 22.88
C ASP A 83 -10.06 -8.29 22.61
N LYS A 84 -9.49 -8.96 23.61
CA LYS A 84 -9.04 -10.33 23.40
C LYS A 84 -10.18 -11.22 22.90
N ALA A 85 -11.39 -11.00 23.40
CA ALA A 85 -12.51 -11.85 23.00
C ALA A 85 -12.77 -11.76 21.50
N PHE A 86 -12.70 -10.56 20.92
CA PHE A 86 -12.91 -10.45 19.48
C PHE A 86 -11.68 -10.88 18.70
N GLN A 87 -10.48 -10.56 19.19
CA GLN A 87 -9.28 -10.98 18.49
C GLN A 87 -9.22 -12.50 18.37
N ASP A 88 -9.71 -13.22 19.39
CA ASP A 88 -9.73 -14.67 19.35
C ASP A 88 -10.65 -15.23 18.26
N LYS A 89 -11.56 -14.40 17.72
CA LYS A 89 -12.51 -14.89 16.72
C LYS A 89 -11.91 -15.02 15.33
N LEU A 90 -10.78 -14.38 15.07
CA LEU A 90 -10.11 -14.45 13.77
C LEU A 90 -8.78 -15.18 13.90
N TYR A 91 -8.39 -15.85 12.82
CA TYR A 91 -7.16 -16.64 12.86
C TYR A 91 -5.96 -15.73 13.12
N PRO A 92 -4.98 -16.17 13.93
CA PRO A 92 -3.83 -15.30 14.19
C PRO A 92 -3.03 -14.93 12.95
N PHE A 93 -2.92 -15.82 11.96
CA PHE A 93 -2.13 -15.48 10.78
C PHE A 93 -2.78 -14.37 9.97
N THR A 94 -4.11 -14.29 9.98
CA THR A 94 -4.77 -13.18 9.31
C THR A 94 -4.48 -11.86 10.03
N TRP A 95 -4.47 -11.88 11.36
CA TRP A 95 -4.06 -10.67 12.09
C TRP A 95 -2.63 -10.29 11.73
N ASP A 96 -1.76 -11.28 11.54
CA ASP A 96 -0.38 -10.99 11.17
C ASP A 96 -0.32 -10.18 9.87
N ALA A 97 -1.22 -10.49 8.93
CA ALA A 97 -1.18 -9.82 7.63
C ALA A 97 -1.46 -8.33 7.75
N VAL A 98 -2.18 -7.91 8.79
CA VAL A 98 -2.54 -6.51 8.99
C VAL A 98 -1.80 -5.90 10.17
N ARG A 99 -0.68 -6.51 10.58
CA ARG A 99 0.18 -5.92 11.61
C ARG A 99 1.35 -5.23 10.91
N TYR A 100 1.58 -3.97 11.26
CA TYR A 100 2.64 -3.18 10.65
C TYR A 100 3.37 -2.39 11.73
N ASN A 101 4.67 -2.60 11.85
CA ASN A 101 5.49 -1.96 12.88
C ASN A 101 4.82 -2.07 14.25
N GLY A 102 4.36 -3.27 14.58
CA GLY A 102 3.78 -3.53 15.88
C GLY A 102 2.39 -2.96 16.07
N LYS A 103 1.67 -2.70 14.99
CA LYS A 103 0.36 -2.07 15.01
C LYS A 103 -0.60 -2.95 14.24
N LEU A 104 -1.78 -3.23 14.80
CA LEU A 104 -2.88 -3.69 13.98
C LEU A 104 -3.48 -2.45 13.30
N ILE A 105 -3.47 -2.45 11.96
CA ILE A 105 -3.92 -1.29 11.19
CA ILE A 105 -3.90 -1.30 11.17
C ILE A 105 -5.14 -1.60 10.34
N ALA A 106 -5.75 -2.77 10.49
CA ALA A 106 -6.94 -3.10 9.72
C ALA A 106 -7.57 -4.37 10.29
N TYR A 107 -8.81 -4.60 9.91
CA TYR A 107 -9.47 -5.85 10.23
C TYR A 107 -9.32 -6.82 9.06
N PRO A 108 -8.80 -8.03 9.27
CA PRO A 108 -8.76 -9.01 8.18
C PRO A 108 -10.13 -9.62 7.95
N ILE A 109 -10.44 -9.87 6.69
CA ILE A 109 -11.75 -10.36 6.28
C ILE A 109 -11.66 -11.77 5.71
N ALA A 110 -10.79 -11.98 4.74
CA ALA A 110 -10.76 -13.26 4.03
C ALA A 110 -9.45 -13.42 3.28
N VAL A 111 -9.07 -14.68 3.08
CA VAL A 111 -7.83 -15.03 2.38
C VAL A 111 -8.17 -15.33 0.92
N GLU A 112 -7.42 -14.72 0.01
CA GLU A 112 -7.66 -14.82 -1.42
C GLU A 112 -6.46 -15.47 -2.11
N ALA A 113 -6.71 -16.51 -2.90
CA ALA A 113 -5.68 -17.14 -3.71
C ALA A 113 -6.24 -17.49 -5.07
N LEU A 114 -5.42 -17.28 -6.11
CA LEU A 114 -5.83 -17.61 -7.47
C LEU A 114 -5.82 -19.11 -7.68
N SER A 115 -6.75 -19.57 -8.52
CA SER A 115 -6.83 -20.98 -8.87
C SER A 115 -7.11 -21.10 -10.36
N LEU A 116 -6.84 -22.29 -10.88
CA LEU A 116 -7.16 -22.59 -12.28
C LEU A 116 -8.63 -22.96 -12.37
N ILE A 117 -9.38 -22.22 -13.17
CA ILE A 117 -10.80 -22.47 -13.41
C ILE A 117 -10.93 -22.98 -14.84
N TYR A 118 -11.59 -24.12 -15.00
CA TYR A 118 -11.64 -24.78 -16.31
C TYR A 118 -13.05 -25.26 -16.61
N ASN A 119 -13.36 -25.30 -17.90
CA ASN A 119 -14.65 -25.75 -18.39
C ASN A 119 -14.61 -27.26 -18.60
N LYS A 120 -15.40 -27.99 -17.81
CA LYS A 120 -15.39 -29.45 -17.90
C LYS A 120 -15.95 -29.94 -19.23
N ASP A 121 -16.97 -29.24 -19.75
CA ASP A 121 -17.55 -29.65 -21.03
C ASP A 121 -16.52 -29.60 -22.16
N LEU A 122 -15.67 -28.57 -22.15
CA LEU A 122 -14.61 -28.42 -23.15
C LEU A 122 -13.32 -29.14 -22.78
N LEU A 123 -13.12 -29.45 -21.50
CA LEU A 123 -11.83 -29.95 -21.02
C LEU A 123 -12.06 -30.80 -19.79
N PRO A 124 -12.38 -32.09 -19.98
CA PRO A 124 -12.70 -32.93 -18.82
C PRO A 124 -11.55 -33.03 -17.82
N ASN A 125 -10.32 -33.17 -18.33
CA ASN A 125 -9.15 -33.30 -17.46
C ASN A 125 -8.28 -32.06 -17.62
N PRO A 126 -8.21 -31.19 -16.60
CA PRO A 126 -7.40 -29.98 -16.77
C PRO A 126 -5.92 -30.34 -16.82
N PRO A 127 -5.11 -29.53 -17.51
CA PRO A 127 -3.69 -29.85 -17.62
C PRO A 127 -2.97 -29.65 -16.30
N LYS A 128 -2.05 -30.56 -15.99
CA LYS A 128 -1.27 -30.47 -14.77
C LYS A 128 -0.09 -29.51 -14.90
N THR A 129 0.33 -29.20 -16.12
CA THR A 129 1.54 -28.40 -16.34
C THR A 129 1.24 -27.26 -17.30
N TRP A 130 1.98 -26.16 -17.12
CA TRP A 130 1.95 -25.08 -18.11
C TRP A 130 2.42 -25.56 -19.47
N GLU A 131 3.38 -26.50 -19.49
CA GLU A 131 4.05 -26.87 -20.72
C GLU A 131 3.11 -27.52 -21.73
N GLU A 132 2.01 -28.10 -21.28
CA GLU A 132 1.10 -28.84 -22.16
C GLU A 132 -0.07 -28.01 -22.65
N ILE A 133 -0.11 -26.73 -22.33
CA ILE A 133 -1.19 -25.85 -22.74
C ILE A 133 -1.07 -25.52 -24.22
N PRO A 134 0.12 -25.20 -24.74
CA PRO A 134 0.23 -24.93 -26.19
C PRO A 134 -0.36 -26.04 -27.05
N ALA A 135 0.05 -27.29 -26.80
CA ALA A 135 -0.55 -28.41 -27.52
C ALA A 135 -2.05 -28.47 -27.31
N LEU A 136 -2.51 -28.11 -26.10
CA LEU A 136 -3.95 -28.14 -25.83
C LEU A 136 -4.67 -27.06 -26.63
N ASP A 137 -4.07 -25.88 -26.75
CA ASP A 137 -4.69 -24.80 -27.51
C ASP A 137 -4.81 -25.17 -28.98
N LYS A 138 -3.83 -25.90 -29.52
CA LYS A 138 -3.87 -26.25 -30.94
C LYS A 138 -5.01 -27.21 -31.25
N GLU A 139 -5.32 -28.12 -30.32
CA GLU A 139 -6.49 -28.97 -30.50
C GLU A 139 -7.77 -28.16 -30.40
N LEU A 140 -7.84 -27.23 -29.44
CA LEU A 140 -9.05 -26.45 -29.25
C LEU A 140 -9.26 -25.43 -30.36
N LYS A 141 -8.17 -24.86 -30.90
CA LYS A 141 -8.32 -23.90 -31.99
C LYS A 141 -8.91 -24.55 -33.22
N ALA A 142 -8.51 -25.79 -33.52
CA ALA A 142 -9.09 -26.50 -34.65
C ALA A 142 -10.60 -26.64 -34.52
N LYS A 143 -11.13 -26.57 -33.29
CA LYS A 143 -12.58 -26.64 -33.07
C LYS A 143 -13.16 -25.27 -32.72
N GLY A 144 -12.42 -24.19 -32.99
CA GLY A 144 -12.94 -22.85 -32.78
C GLY A 144 -12.90 -22.34 -31.36
N LYS A 145 -12.06 -22.91 -30.51
CA LYS A 145 -11.94 -22.51 -29.11
C LYS A 145 -10.48 -22.23 -28.78
N SER A 146 -10.26 -21.73 -27.56
CA SER A 146 -8.93 -21.46 -27.06
C SER A 146 -8.75 -22.16 -25.72
N ALA A 147 -7.48 -22.33 -25.32
CA ALA A 147 -7.20 -23.06 -24.10
C ALA A 147 -7.32 -22.19 -22.86
N LEU A 148 -6.84 -20.94 -22.93
CA LEU A 148 -6.68 -20.16 -21.71
C LEU A 148 -6.73 -18.67 -22.02
N MET A 149 -7.50 -17.94 -21.21
CA MET A 149 -7.50 -16.48 -21.23
C MET A 149 -7.59 -15.98 -19.80
N PHE A 150 -6.69 -15.05 -19.44
CA PHE A 150 -6.75 -14.43 -18.13
C PHE A 150 -6.11 -13.04 -18.22
N ASN A 151 -6.31 -12.27 -17.17
CA ASN A 151 -5.94 -10.86 -17.17
C ASN A 151 -4.43 -10.72 -17.25
N LEU A 152 -3.95 -10.11 -18.34
CA LEU A 152 -2.53 -9.86 -18.53
C LEU A 152 -2.14 -8.41 -18.28
N GLN A 153 -3.10 -7.56 -17.87
CA GLN A 153 -2.82 -6.16 -17.60
C GLN A 153 -2.48 -5.89 -16.14
N GLU A 154 -2.76 -6.85 -15.26
CA GLU A 154 -2.45 -6.74 -13.84
C GLU A 154 -1.46 -7.84 -13.48
N PRO A 155 -0.26 -7.52 -12.98
CA PRO A 155 0.74 -8.56 -12.73
C PRO A 155 0.30 -9.59 -11.71
N TYR A 156 -0.75 -9.33 -10.94
CA TYR A 156 -1.24 -10.29 -9.97
C TYR A 156 -1.52 -11.65 -10.62
N PHE A 157 -2.05 -11.64 -11.84
CA PHE A 157 -2.47 -12.88 -12.50
C PHE A 157 -1.31 -13.60 -13.16
N THR A 158 -0.18 -12.92 -13.39
CA THR A 158 0.98 -13.54 -14.01
C THR A 158 2.08 -13.87 -13.00
N TRP A 159 2.03 -13.29 -11.80
CA TRP A 159 3.07 -13.58 -10.81
C TRP A 159 3.21 -15.05 -10.49
N PRO A 160 2.14 -15.86 -10.42
CA PRO A 160 2.32 -17.28 -10.08
C PRO A 160 3.31 -17.99 -10.98
N LEU A 161 3.23 -17.74 -12.29
CA LEU A 161 4.16 -18.33 -13.23
C LEU A 161 5.56 -17.76 -13.05
N ILE A 162 5.66 -16.45 -12.79
CA ILE A 162 6.96 -15.80 -12.65
C ILE A 162 7.70 -16.34 -11.43
N ALA A 163 6.97 -16.54 -10.32
CA ALA A 163 7.60 -17.02 -9.10
C ALA A 163 7.82 -18.52 -9.12
N ALA A 164 7.15 -19.25 -10.02
CA ALA A 164 7.21 -20.71 -10.01
C ALA A 164 8.64 -21.22 -9.91
N ASP A 165 9.56 -20.66 -10.69
CA ASP A 165 10.91 -21.20 -10.81
C ASP A 165 11.97 -20.41 -10.05
N GLY A 166 11.56 -19.44 -9.23
CA GLY A 166 12.53 -18.75 -8.39
C GLY A 166 12.30 -17.27 -8.24
N GLY A 167 11.29 -16.73 -8.91
CA GLY A 167 10.97 -15.32 -8.75
C GLY A 167 10.43 -15.04 -7.36
N TYR A 168 10.81 -13.89 -6.82
CA TYR A 168 10.30 -13.43 -5.53
C TYR A 168 10.32 -11.91 -5.51
N ALA A 169 9.57 -11.33 -4.59
CA ALA A 169 9.51 -9.88 -4.45
C ALA A 169 10.63 -9.38 -3.54
N PHE A 170 10.54 -9.68 -2.25
CA PHE A 170 11.52 -9.21 -1.28
C PHE A 170 12.00 -10.37 -0.41
N LYS A 171 13.23 -10.23 0.09
CA LYS A 171 13.94 -11.27 0.84
C LYS A 171 13.56 -12.68 0.40
N LYS A 176 14.12 -7.59 8.51
CA LYS A 176 13.39 -8.84 8.16
C LYS A 176 13.11 -8.92 6.65
N TYR A 177 12.44 -7.89 6.12
CA TYR A 177 12.20 -7.76 4.69
C TYR A 177 13.27 -6.83 4.11
N ASP A 178 14.16 -7.39 3.28
CA ASP A 178 15.25 -6.63 2.69
C ASP A 178 14.76 -5.99 1.40
N ILE A 179 14.70 -4.66 1.38
CA ILE A 179 14.21 -3.95 0.20
C ILE A 179 15.25 -3.93 -0.91
N LYS A 180 16.52 -4.20 -0.62
CA LYS A 180 17.52 -4.23 -1.68
C LYS A 180 17.55 -5.57 -2.40
N ASP A 181 17.12 -6.65 -1.73
CA ASP A 181 17.11 -7.98 -2.34
C ASP A 181 15.77 -8.18 -3.03
N VAL A 182 15.75 -7.97 -4.34
CA VAL A 182 14.55 -8.11 -5.15
C VAL A 182 14.80 -9.20 -6.18
N GLY A 183 13.90 -10.18 -6.23
CA GLY A 183 14.05 -11.30 -7.14
C GLY A 183 13.18 -11.18 -8.37
N VAL A 184 13.24 -10.02 -9.04
CA VAL A 184 12.41 -9.77 -10.21
C VAL A 184 13.10 -10.10 -11.53
N ASP A 185 14.44 -10.10 -11.56
CA ASP A 185 15.18 -10.37 -12.78
C ASP A 185 16.19 -11.51 -12.59
N ASN A 186 15.84 -12.50 -11.76
CA ASN A 186 16.66 -13.69 -11.62
C ASN A 186 16.24 -14.71 -12.67
N ALA A 187 17.02 -15.79 -12.74
CA ALA A 187 16.77 -16.80 -13.78
C ALA A 187 15.37 -17.39 -13.68
N GLY A 188 14.84 -17.51 -12.47
CA GLY A 188 13.50 -18.07 -12.32
C GLY A 188 12.42 -17.14 -12.86
N ALA A 189 12.57 -15.83 -12.62
CA ALA A 189 11.60 -14.87 -13.13
C ALA A 189 11.65 -14.81 -14.65
N LYS A 190 12.86 -14.73 -15.23
CA LYS A 190 12.96 -14.68 -16.68
C LYS A 190 12.35 -15.92 -17.32
N ALA A 191 12.57 -17.09 -16.72
CA ALA A 191 12.03 -18.32 -17.30
C ALA A 191 10.51 -18.33 -17.29
N GLY A 192 9.91 -17.72 -16.27
CA GLY A 192 8.46 -17.66 -16.22
C GLY A 192 7.88 -16.65 -17.19
N LEU A 193 8.42 -15.43 -17.19
CA LEU A 193 7.93 -14.40 -18.11
C LEU A 193 8.19 -14.80 -19.56
N THR A 194 9.34 -15.45 -19.82
CA THR A 194 9.64 -15.88 -21.17
C THR A 194 8.62 -16.90 -21.67
N PHE A 195 8.19 -17.82 -20.80
CA PHE A 195 7.16 -18.77 -21.20
C PHE A 195 5.87 -18.06 -21.54
N LEU A 196 5.50 -17.04 -20.74
CA LEU A 196 4.33 -16.24 -21.05
C LEU A 196 4.48 -15.58 -22.42
N VAL A 197 5.61 -14.92 -22.65
CA VAL A 197 5.82 -14.23 -23.93
C VAL A 197 5.74 -15.22 -25.08
N ASP A 198 6.42 -16.36 -24.95
CA ASP A 198 6.39 -17.35 -26.02
C ASP A 198 4.97 -17.81 -26.31
N LEU A 199 4.14 -17.95 -25.27
CA LEU A 199 2.74 -18.27 -25.50
C LEU A 199 2.07 -17.24 -26.40
N ILE A 200 2.36 -15.96 -26.18
CA ILE A 200 1.78 -14.91 -27.00
C ILE A 200 2.36 -14.95 -28.42
N LYS A 201 3.69 -15.11 -28.52
CA LYS A 201 4.32 -15.19 -29.84
C LYS A 201 3.76 -16.35 -30.65
N ASN A 202 3.45 -17.47 -29.98
CA ASN A 202 2.85 -18.61 -30.64
C ASN A 202 1.33 -18.51 -30.73
N LYS A 203 0.77 -17.33 -30.45
CA LYS A 203 -0.65 -17.05 -30.68
C LYS A 203 -1.56 -17.94 -29.84
N HIS A 204 -1.05 -18.40 -28.70
CA HIS A 204 -1.89 -19.10 -27.73
C HIS A 204 -2.60 -18.14 -26.78
N MET A 205 -2.13 -16.89 -26.69
CA MET A 205 -2.83 -15.84 -25.97
C MET A 205 -2.54 -14.50 -26.66
N ASN A 206 -3.30 -13.48 -26.26
CA ASN A 206 -3.17 -12.14 -26.80
C ASN A 206 -2.79 -11.18 -25.69
N ALA A 207 -1.82 -10.32 -25.97
CA ALA A 207 -1.26 -9.45 -24.93
C ALA A 207 -2.32 -8.55 -24.32
N ASP A 208 -3.32 -8.13 -25.11
CA ASP A 208 -4.28 -7.13 -24.66
C ASP A 208 -5.42 -7.72 -23.84
N THR A 209 -5.45 -9.04 -23.63
CA THR A 209 -6.47 -9.65 -22.80
C THR A 209 -6.47 -9.01 -21.42
N ASP A 210 -7.62 -8.52 -20.98
CA ASP A 210 -7.77 -7.91 -19.67
C ASP A 210 -8.79 -8.72 -18.86
N TYR A 211 -9.19 -8.19 -17.71
CA TYR A 211 -10.07 -8.94 -16.82
C TYR A 211 -11.43 -9.19 -17.48
N SER A 212 -12.03 -8.15 -18.06
CA SER A 212 -13.36 -8.30 -18.63
CA SER A 212 -13.36 -8.30 -18.63
C SER A 212 -13.35 -9.23 -19.85
N ILE A 213 -12.31 -9.14 -20.68
CA ILE A 213 -12.24 -9.99 -21.85
C ILE A 213 -12.12 -11.46 -21.45
N ALA A 214 -11.21 -11.75 -20.51
CA ALA A 214 -11.02 -13.13 -20.09
C ALA A 214 -12.27 -13.67 -19.40
N GLU A 215 -12.97 -12.83 -18.63
CA GLU A 215 -14.18 -13.28 -17.96
C GLU A 215 -15.27 -13.58 -18.98
N ALA A 216 -15.51 -12.65 -19.90
CA ALA A 216 -16.53 -12.88 -20.92
C ALA A 216 -16.20 -14.11 -21.75
N ALA A 217 -14.93 -14.24 -22.16
CA ALA A 217 -14.54 -15.37 -22.98
C ALA A 217 -14.85 -16.70 -22.28
N PHE A 218 -14.52 -16.80 -20.99
CA PHE A 218 -14.72 -18.07 -20.29
C PHE A 218 -16.19 -18.29 -19.97
N ASN A 219 -16.87 -17.27 -19.46
CA ASN A 219 -18.26 -17.43 -19.06
C ASN A 219 -19.20 -17.61 -20.25
N LYS A 220 -18.73 -17.34 -21.47
CA LYS A 220 -19.49 -17.60 -22.69
C LYS A 220 -19.11 -18.92 -23.35
N GLY A 221 -18.20 -19.68 -22.76
CA GLY A 221 -17.80 -20.96 -23.31
C GLY A 221 -16.81 -20.87 -24.46
N GLU A 222 -16.11 -19.75 -24.62
CA GLU A 222 -15.20 -19.56 -25.73
C GLU A 222 -13.77 -19.99 -25.41
N THR A 223 -13.41 -20.14 -24.14
CA THR A 223 -12.10 -20.60 -23.74
C THR A 223 -12.25 -21.63 -22.63
N ALA A 224 -11.31 -22.59 -22.60
CA ALA A 224 -11.43 -23.73 -21.71
C ALA A 224 -10.94 -23.44 -20.30
N MET A 225 -10.05 -22.47 -20.13
CA MET A 225 -9.46 -22.18 -18.83
C MET A 225 -9.30 -20.69 -18.62
N THR A 226 -9.41 -20.28 -17.35
CA THR A 226 -9.10 -18.92 -16.94
C THR A 226 -8.45 -18.99 -15.56
N ILE A 227 -7.81 -17.90 -15.17
CA ILE A 227 -7.14 -17.78 -13.89
C ILE A 227 -7.79 -16.65 -13.13
N ASN A 228 -8.37 -16.96 -11.97
CA ASN A 228 -9.15 -15.97 -11.24
C ASN A 228 -9.32 -16.41 -9.80
N GLY A 229 -9.85 -15.51 -8.98
CA GLY A 229 -10.07 -15.77 -7.57
C GLY A 229 -11.53 -16.05 -7.28
N PRO A 230 -11.84 -16.23 -5.99
CA PRO A 230 -13.21 -16.63 -5.62
C PRO A 230 -14.28 -15.59 -5.96
N TRP A 231 -13.93 -14.30 -5.97
CA TRP A 231 -14.91 -13.28 -6.31
C TRP A 231 -15.57 -13.54 -7.66
N ALA A 232 -14.91 -14.27 -8.56
CA ALA A 232 -15.41 -14.48 -9.91
C ALA A 232 -16.35 -15.65 -10.04
N TRP A 233 -16.48 -16.50 -9.01
CA TRP A 233 -17.31 -17.69 -9.15
C TRP A 233 -18.77 -17.35 -9.34
N SER A 234 -19.24 -16.25 -8.73
CA SER A 234 -20.65 -15.88 -8.84
C SER A 234 -21.08 -15.79 -10.30
N ASN A 235 -20.33 -15.04 -11.11
CA ASN A 235 -20.71 -14.84 -12.50
C ASN A 235 -20.62 -16.15 -13.29
N ILE A 236 -19.66 -17.02 -12.96
CA ILE A 236 -19.59 -18.31 -13.63
C ILE A 236 -20.86 -19.12 -13.36
N ASP A 237 -21.29 -19.15 -12.10
CA ASP A 237 -22.57 -19.78 -11.77
C ASP A 237 -23.68 -19.24 -12.64
N THR A 238 -23.78 -17.91 -12.73
CA THR A 238 -24.84 -17.29 -13.52
C THR A 238 -24.77 -17.71 -14.98
N SER A 239 -23.56 -17.84 -15.53
CA SER A 239 -23.40 -18.24 -16.91
C SER A 239 -23.75 -19.71 -17.15
N LYS A 240 -23.90 -20.50 -16.09
CA LYS A 240 -24.23 -21.93 -16.14
C LYS A 240 -23.09 -22.78 -16.67
N VAL A 241 -21.93 -22.21 -16.99
CA VAL A 241 -20.80 -23.02 -17.44
C VAL A 241 -20.48 -24.05 -16.38
N ASN A 242 -20.42 -25.31 -16.78
CA ASN A 242 -20.04 -26.40 -15.87
C ASN A 242 -18.54 -26.31 -15.65
N TYR A 243 -18.15 -25.72 -14.52
CA TYR A 243 -16.75 -25.36 -14.28
C TYR A 243 -16.21 -26.08 -13.05
N GLY A 244 -14.87 -26.13 -12.98
CA GLY A 244 -14.19 -26.62 -11.81
C GLY A 244 -13.08 -25.67 -11.42
N VAL A 245 -12.64 -25.81 -10.17
CA VAL A 245 -11.57 -24.99 -9.60
C VAL A 245 -10.52 -25.94 -9.05
N THR A 246 -9.29 -25.81 -9.52
CA THR A 246 -8.26 -26.79 -9.21
C THR A 246 -6.91 -26.09 -9.05
N VAL A 247 -5.91 -26.89 -8.68
CA VAL A 247 -4.55 -26.38 -8.50
C VAL A 247 -4.05 -25.79 -9.80
N LEU A 248 -3.26 -24.72 -9.68
CA LEU A 248 -2.67 -24.09 -10.85
C LEU A 248 -1.68 -25.03 -11.53
N PRO A 249 -1.39 -24.79 -12.81
CA PRO A 249 -0.43 -25.66 -13.50
C PRO A 249 0.98 -25.45 -12.98
N THR A 250 1.75 -26.54 -12.94
CA THR A 250 3.15 -26.48 -12.57
C THR A 250 3.98 -25.92 -13.71
N PHE A 251 5.15 -25.37 -13.37
CA PHE A 251 6.09 -24.86 -14.35
C PHE A 251 7.48 -25.37 -14.01
N LYS A 252 8.09 -26.12 -14.94
CA LYS A 252 9.39 -26.75 -14.71
C LYS A 252 9.34 -27.62 -13.45
N GLY A 253 8.25 -28.38 -13.30
CA GLY A 253 8.07 -29.25 -12.16
C GLY A 253 7.80 -28.54 -10.85
N GLN A 254 7.82 -27.20 -10.83
CA GLN A 254 7.58 -26.44 -9.61
C GLN A 254 6.16 -25.93 -9.57
N PRO A 255 5.49 -25.94 -8.42
CA PRO A 255 4.12 -25.41 -8.37
C PRO A 255 4.08 -23.93 -8.67
N SER A 256 3.00 -23.50 -9.33
CA SER A 256 2.74 -22.08 -9.41
C SER A 256 2.57 -21.53 -8.01
N LYS A 257 3.12 -20.33 -7.77
CA LYS A 257 3.17 -19.72 -6.44
C LYS A 257 2.44 -18.38 -6.49
N PRO A 258 1.12 -18.37 -6.37
CA PRO A 258 0.39 -17.11 -6.38
C PRO A 258 0.65 -16.30 -5.11
N PHE A 259 0.70 -14.98 -5.27
CA PHE A 259 0.83 -14.10 -4.12
C PHE A 259 -0.52 -14.03 -3.42
N VAL A 260 -0.53 -14.37 -2.13
CA VAL A 260 -1.77 -14.54 -1.38
C VAL A 260 -2.15 -13.22 -0.73
N GLY A 261 -3.39 -12.79 -0.97
CA GLY A 261 -3.91 -11.56 -0.42
C GLY A 261 -4.89 -11.80 0.70
N VAL A 262 -4.97 -10.85 1.62
CA VAL A 262 -5.90 -10.90 2.75
C VAL A 262 -6.77 -9.65 2.61
N LEU A 263 -7.97 -9.81 2.10
CA LEU A 263 -8.92 -8.69 2.05
C LEU A 263 -9.07 -8.11 3.45
N SER A 264 -8.82 -6.82 3.59
CA SER A 264 -8.80 -6.18 4.89
C SER A 264 -9.57 -4.87 4.83
N ALA A 265 -10.03 -4.42 6.00
CA ALA A 265 -10.80 -3.20 6.14
C ALA A 265 -10.04 -2.27 7.09
N GLY A 266 -9.51 -1.17 6.56
CA GLY A 266 -8.85 -0.17 7.35
C GLY A 266 -9.77 1.01 7.62
N ILE A 267 -9.52 1.70 8.73
CA ILE A 267 -10.33 2.84 9.15
C ILE A 267 -9.54 4.12 8.91
N ASN A 268 -10.17 5.07 8.23
CA ASN A 268 -9.55 6.36 7.94
C ASN A 268 -9.18 7.08 9.23
N ALA A 269 -7.90 7.43 9.36
CA ALA A 269 -7.44 8.10 10.57
C ALA A 269 -8.06 9.49 10.74
N ALA A 270 -8.54 10.09 9.66
CA ALA A 270 -9.16 11.40 9.73
C ALA A 270 -10.68 11.34 9.91
N SER A 271 -11.26 10.14 9.98
CA SER A 271 -12.70 10.02 10.09
C SER A 271 -13.16 10.40 11.50
N PRO A 272 -14.27 11.12 11.63
CA PRO A 272 -14.86 11.33 12.95
C PRO A 272 -15.74 10.18 13.41
N ASN A 273 -15.82 9.11 12.63
CA ASN A 273 -16.69 7.97 12.89
C ASN A 273 -15.90 6.70 13.20
N LYS A 274 -14.72 6.84 13.81
CA LYS A 274 -13.84 5.70 13.99
C LYS A 274 -14.49 4.63 14.87
N GLU A 275 -15.12 5.02 15.97
CA GLU A 275 -15.75 4.04 16.84
C GLU A 275 -16.96 3.41 16.17
N LEU A 276 -17.72 4.19 15.39
CA LEU A 276 -18.83 3.62 14.64
C LEU A 276 -18.34 2.57 13.65
N ALA A 277 -17.18 2.79 13.02
CA ALA A 277 -16.64 1.81 12.10
C ALA A 277 -16.26 0.52 12.82
N LYS A 278 -15.77 0.63 14.06
CA LYS A 278 -15.41 -0.57 14.81
C LYS A 278 -16.64 -1.38 15.20
N GLU A 279 -17.72 -0.69 15.59
CA GLU A 279 -18.97 -1.39 15.87
C GLU A 279 -19.47 -2.13 14.63
N PHE A 280 -19.51 -1.45 13.49
CA PHE A 280 -20.00 -2.08 12.28
C PHE A 280 -19.15 -3.28 11.89
N LEU A 281 -17.83 -3.12 11.92
CA LEU A 281 -16.95 -4.17 11.42
C LEU A 281 -16.91 -5.37 12.36
N GLU A 282 -16.82 -5.13 13.68
CA GLU A 282 -16.71 -6.23 14.62
C GLU A 282 -18.03 -6.95 14.82
N ASN A 283 -19.15 -6.21 14.82
CA ASN A 283 -20.41 -6.74 15.30
C ASN A 283 -21.47 -6.93 14.23
N TYR A 284 -21.17 -6.58 12.97
CA TYR A 284 -22.13 -6.78 11.90
C TYR A 284 -21.47 -7.46 10.71
N LEU A 285 -20.29 -6.99 10.30
CA LEU A 285 -19.61 -7.61 9.17
C LEU A 285 -18.92 -8.91 9.58
N LEU A 286 -18.10 -8.86 10.64
CA LEU A 286 -17.30 -10.02 11.05
C LEU A 286 -18.11 -10.90 12.00
N THR A 287 -19.27 -11.31 11.50
CA THR A 287 -20.10 -12.35 12.10
C THR A 287 -20.43 -13.36 11.01
N ASP A 288 -21.00 -14.50 11.41
CA ASP A 288 -21.43 -15.48 10.43
C ASP A 288 -22.43 -14.86 9.46
N GLU A 289 -23.42 -14.14 9.99
CA GLU A 289 -24.45 -13.56 9.13
C GLU A 289 -23.87 -12.46 8.25
N GLY A 290 -22.93 -11.68 8.78
CA GLY A 290 -22.36 -10.60 8.00
C GLY A 290 -21.57 -11.11 6.80
N LEU A 291 -20.64 -12.04 7.05
CA LEU A 291 -19.82 -12.56 5.97
C LEU A 291 -20.64 -13.34 4.95
N GLU A 292 -21.68 -14.04 5.41
CA GLU A 292 -22.54 -14.77 4.48
C GLU A 292 -23.19 -13.82 3.47
N ALA A 293 -23.66 -12.67 3.96
CA ALA A 293 -24.29 -11.70 3.06
C ALA A 293 -23.33 -11.27 1.96
N VAL A 294 -22.07 -10.99 2.32
CA VAL A 294 -21.09 -10.62 1.31
C VAL A 294 -20.74 -11.83 0.44
N ASN A 295 -20.55 -12.98 1.06
CA ASN A 295 -20.17 -14.17 0.30
C ASN A 295 -21.25 -14.56 -0.70
N LYS A 296 -22.52 -14.42 -0.32
CA LYS A 296 -23.61 -14.79 -1.22
C LYS A 296 -23.64 -13.91 -2.45
N ASP A 297 -23.13 -12.68 -2.34
CA ASP A 297 -23.03 -11.79 -3.50
C ASP A 297 -21.83 -12.16 -4.35
N LYS A 298 -20.64 -12.14 -3.76
CA LYS A 298 -19.40 -12.56 -4.42
C LYS A 298 -18.57 -13.34 -3.41
N PRO A 299 -18.19 -14.59 -3.71
CA PRO A 299 -17.47 -15.39 -2.71
C PRO A 299 -16.17 -14.72 -2.26
N LEU A 300 -15.91 -14.81 -0.95
CA LEU A 300 -14.80 -14.12 -0.32
C LEU A 300 -13.51 -14.93 -0.29
N GLY A 301 -13.58 -16.25 -0.49
CA GLY A 301 -12.45 -17.12 -0.28
C GLY A 301 -12.53 -17.81 1.07
N ALA A 302 -11.40 -17.94 1.75
CA ALA A 302 -11.34 -18.53 3.08
C ALA A 302 -11.36 -17.39 4.09
N VAL A 303 -12.50 -17.20 4.75
CA VAL A 303 -12.67 -16.02 5.59
C VAL A 303 -11.82 -16.13 6.84
N ALA A 304 -11.51 -14.96 7.41
CA ALA A 304 -10.70 -14.91 8.63
C ALA A 304 -11.48 -15.32 9.86
N LEU A 305 -12.81 -15.33 9.80
CA LEU A 305 -13.63 -15.67 10.95
C LEU A 305 -13.62 -17.19 11.15
N LYS A 306 -13.15 -17.64 12.30
CA LYS A 306 -13.00 -19.07 12.54
C LYS A 306 -14.34 -19.79 12.39
N SER A 307 -15.40 -19.24 12.98
CA SER A 307 -16.69 -19.93 12.96
C SER A 307 -17.20 -20.12 11.54
N TYR A 308 -17.11 -19.08 10.71
CA TYR A 308 -17.67 -19.18 9.37
C TYR A 308 -16.73 -19.85 8.40
N GLU A 309 -15.41 -19.75 8.63
CA GLU A 309 -14.47 -20.49 7.79
C GLU A 309 -14.73 -21.99 7.90
N GLU A 310 -15.00 -22.48 9.11
CA GLU A 310 -15.34 -23.89 9.29
C GLU A 310 -16.53 -24.28 8.43
N GLU A 311 -17.53 -23.41 8.36
CA GLU A 311 -18.76 -23.75 7.65
C GLU A 311 -18.53 -23.89 6.16
N LEU A 312 -17.64 -23.09 5.58
CA LEU A 312 -17.43 -23.09 4.15
C LEU A 312 -16.31 -24.02 3.71
N ALA A 313 -15.46 -24.47 4.62
CA ALA A 313 -14.31 -25.29 4.24
C ALA A 313 -14.72 -26.51 3.43
N LYS A 314 -15.95 -26.99 3.59
CA LYS A 314 -16.39 -28.17 2.84
C LYS A 314 -16.38 -27.92 1.34
N ASP A 315 -16.60 -26.68 0.93
CA ASP A 315 -16.64 -26.32 -0.49
C ASP A 315 -15.36 -26.76 -1.20
N PRO A 316 -15.44 -27.62 -2.21
CA PRO A 316 -14.21 -28.00 -2.93
C PRO A 316 -13.50 -26.82 -3.56
N ARG A 317 -14.25 -25.81 -4.01
CA ARG A 317 -13.61 -24.63 -4.59
C ARG A 317 -12.75 -23.92 -3.56
N ILE A 318 -13.20 -23.86 -2.31
CA ILE A 318 -12.39 -23.28 -1.25
C ILE A 318 -11.17 -24.14 -1.00
N ALA A 319 -11.35 -25.46 -0.98
CA ALA A 319 -10.22 -26.37 -0.77
C ALA A 319 -9.17 -26.17 -1.85
N ALA A 320 -9.59 -26.12 -3.11
CA ALA A 320 -8.66 -25.83 -4.19
C ALA A 320 -7.99 -24.49 -3.98
N THR A 321 -8.74 -23.49 -3.53
CA THR A 321 -8.16 -22.19 -3.21
C THR A 321 -7.07 -22.34 -2.14
N MET A 322 -7.33 -23.15 -1.11
CA MET A 322 -6.34 -23.33 -0.05
C MET A 322 -5.08 -23.98 -0.58
N GLU A 323 -5.23 -25.03 -1.40
CA GLU A 323 -4.07 -25.69 -1.97
C GLU A 323 -3.17 -24.69 -2.69
N ASN A 324 -3.74 -23.90 -3.59
CA ASN A 324 -2.95 -22.87 -4.27
C ASN A 324 -2.41 -21.86 -3.27
N ALA A 325 -3.18 -21.53 -2.24
CA ALA A 325 -2.70 -20.62 -1.21
C ALA A 325 -1.48 -21.20 -0.49
N GLN A 326 -1.58 -22.46 -0.06
CA GLN A 326 -0.47 -23.08 0.66
C GLN A 326 0.77 -23.17 -0.22
N LYS A 327 0.61 -23.36 -1.52
CA LYS A 327 1.74 -23.38 -2.44
C LYS A 327 2.24 -22.00 -2.80
N GLY A 328 1.51 -20.95 -2.42
CA GLY A 328 1.92 -19.59 -2.63
C GLY A 328 2.59 -19.01 -1.41
N GLU A 329 2.54 -17.67 -1.32
CA GLU A 329 3.24 -16.94 -0.28
C GLU A 329 2.44 -15.68 0.04
N ILE A 330 2.22 -15.43 1.33
CA ILE A 330 1.48 -14.24 1.71
C ILE A 330 2.27 -12.99 1.30
N MET A 331 1.57 -12.03 0.73
CA MET A 331 2.23 -10.81 0.30
C MET A 331 2.77 -10.05 1.51
N PRO A 332 3.95 -9.47 1.42
CA PRO A 332 4.35 -8.49 2.42
C PRO A 332 3.39 -7.32 2.39
N ASN A 333 3.34 -6.58 3.50
CA ASN A 333 2.51 -5.38 3.56
C ASN A 333 3.35 -4.11 3.61
N ILE A 334 4.67 -4.22 3.43
CA ILE A 334 5.58 -3.07 3.57
C ILE A 334 5.17 -2.01 2.55
N PRO A 335 5.48 -0.74 2.80
CA PRO A 335 5.08 0.31 1.86
C PRO A 335 5.67 0.12 0.47
N GLN A 336 6.80 -0.57 0.35
CA GLN A 336 7.46 -0.77 -0.94
C GLN A 336 6.69 -1.68 -1.88
N MET A 337 5.55 -2.24 -1.45
CA MET A 337 4.84 -3.18 -2.32
C MET A 337 4.20 -2.48 -3.50
N SER A 338 3.77 -1.23 -3.33
CA SER A 338 3.14 -0.52 -4.46
C SER A 338 4.16 -0.27 -5.58
N ALA A 339 5.37 0.16 -5.22
CA ALA A 339 6.40 0.34 -6.23
C ALA A 339 6.74 -0.98 -6.91
N PHE A 340 6.78 -2.06 -6.15
CA PHE A 340 7.04 -3.38 -6.73
C PHE A 340 5.98 -3.73 -7.76
N TRP A 341 4.70 -3.54 -7.40
CA TRP A 341 3.63 -3.85 -8.34
C TRP A 341 3.71 -2.97 -9.58
N TYR A 342 3.76 -1.65 -9.38
CA TYR A 342 3.88 -0.74 -10.52
C TYR A 342 5.04 -1.13 -11.42
N ALA A 343 6.17 -1.52 -10.83
CA ALA A 343 7.32 -1.92 -11.63
C ALA A 343 7.03 -3.18 -12.42
N VAL A 344 6.45 -4.19 -11.76
CA VAL A 344 6.21 -5.47 -12.43
C VAL A 344 5.04 -5.38 -13.41
N ARG A 345 4.10 -4.46 -13.20
CA ARG A 345 3.04 -4.26 -14.18
C ARG A 345 3.62 -3.79 -15.50
N THR A 346 4.56 -2.85 -15.46
CA THR A 346 5.17 -2.35 -16.69
C THR A 346 5.94 -3.44 -17.42
N ALA A 347 6.63 -4.31 -16.66
CA ALA A 347 7.47 -5.32 -17.30
C ALA A 347 6.64 -6.37 -18.02
N VAL A 348 5.50 -6.76 -17.46
CA VAL A 348 4.67 -7.77 -18.09
C VAL A 348 4.03 -7.23 -19.36
N ILE A 349 3.49 -6.00 -19.28
CA ILE A 349 2.82 -5.43 -20.44
C ILE A 349 3.81 -5.20 -21.58
N ASN A 350 4.98 -4.65 -21.28
CA ASN A 350 5.95 -4.36 -22.33
C ASN A 350 6.50 -5.64 -22.96
N ALA A 351 6.79 -6.65 -22.13
CA ALA A 351 7.24 -7.92 -22.67
C ALA A 351 6.15 -8.59 -23.50
N ALA A 352 4.91 -8.56 -23.00
CA ALA A 352 3.81 -9.23 -23.71
C ALA A 352 3.54 -8.55 -25.04
N SER A 353 3.55 -7.22 -25.08
CA SER A 353 3.24 -6.49 -26.30
C SER A 353 4.45 -6.33 -27.22
N GLY A 354 5.63 -6.75 -26.79
CA GLY A 354 6.80 -6.67 -27.63
C GLY A 354 7.48 -5.32 -27.66
N ARG A 355 7.20 -4.46 -26.67
CA ARG A 355 7.86 -3.17 -26.62
C ARG A 355 9.24 -3.27 -26.00
N GLN A 356 9.44 -4.27 -25.13
CA GLN A 356 10.75 -4.61 -24.57
C GLN A 356 10.90 -6.11 -24.60
N THR A 357 12.15 -6.57 -24.65
CA THR A 357 12.40 -7.99 -24.45
C THR A 357 12.23 -8.33 -22.97
N VAL A 358 12.12 -9.63 -22.69
CA VAL A 358 11.93 -10.07 -21.31
C VAL A 358 13.05 -9.56 -20.42
N ASP A 359 14.27 -9.50 -20.95
CA ASP A 359 15.42 -9.15 -20.12
C ASP A 359 15.39 -7.68 -19.74
N GLU A 360 15.37 -6.78 -20.73
CA GLU A 360 15.35 -5.36 -20.41
C GLU A 360 14.05 -4.95 -19.72
N ALA A 361 12.97 -5.72 -19.88
CA ALA A 361 11.73 -5.43 -19.17
C ALA A 361 11.89 -5.71 -17.68
N LEU A 362 12.49 -6.84 -17.33
CA LEU A 362 12.65 -7.19 -15.93
C LEU A 362 13.77 -6.40 -15.26
N LYS A 363 14.80 -6.01 -16.01
CA LYS A 363 15.86 -5.19 -15.43
C LYS A 363 15.31 -3.84 -14.97
N ASP A 364 14.51 -3.20 -15.83
CA ASP A 364 13.86 -1.95 -15.44
C ASP A 364 12.99 -2.16 -14.20
N ALA A 365 12.34 -3.33 -14.10
CA ALA A 365 11.52 -3.61 -12.93
C ALA A 365 12.37 -3.88 -11.70
N GLN A 366 13.48 -4.60 -11.87
CA GLN A 366 14.43 -4.78 -10.77
C GLN A 366 14.88 -3.43 -10.22
N THR A 367 15.20 -2.50 -11.12
CA THR A 367 15.64 -1.18 -10.68
C THR A 367 14.49 -0.40 -10.04
N ASN A 368 13.33 -0.36 -10.72
CA ASN A 368 12.21 0.42 -10.21
C ASN A 368 11.68 -0.14 -8.90
N SER A 369 11.77 -1.45 -8.70
CA SER A 369 11.48 -2.01 -7.39
C SER A 369 12.55 -1.64 -6.35
N SER A 370 13.62 -0.97 -6.77
CA SER A 370 14.67 -0.54 -5.86
C SER A 370 15.27 -1.72 -5.12
N ALA B 1 6.88 9.53 -2.35
CA ALA B 1 6.27 8.50 -1.51
C ALA B 1 6.55 8.77 -0.04
N GLN B 2 7.71 8.29 0.45
CA GLN B 2 8.11 8.62 1.82
C GLN B 2 8.52 10.08 1.91
N GLU B 3 9.23 10.59 0.89
CA GLU B 3 9.55 12.01 0.84
C GLU B 3 8.28 12.85 0.98
N ASP B 4 7.21 12.45 0.29
CA ASP B 4 5.94 13.16 0.43
C ASP B 4 5.47 13.13 1.88
N ASN B 5 5.59 11.99 2.55
CA ASN B 5 5.14 11.89 3.93
C ASN B 5 5.83 12.91 4.82
N TYR B 6 7.14 13.12 4.61
CA TYR B 6 7.86 14.10 5.42
C TYR B 6 7.51 15.52 5.00
N LYS B 7 7.33 15.77 3.70
CA LYS B 7 7.04 17.12 3.25
C LYS B 7 5.74 17.63 3.87
N ARG B 8 4.75 16.76 4.04
CA ARG B 8 3.50 17.16 4.69
C ARG B 8 3.75 17.79 6.05
N ILE B 9 4.63 17.18 6.84
CA ILE B 9 4.95 17.71 8.16
C ILE B 9 5.76 19.00 8.04
N VAL B 10 6.78 18.98 7.19
CA VAL B 10 7.65 20.16 7.05
C VAL B 10 6.86 21.32 6.47
N LYS B 11 5.99 21.05 5.50
CA LYS B 11 5.21 22.12 4.88
C LYS B 11 4.38 22.86 5.93
N SER B 12 3.70 22.13 6.80
CA SER B 12 2.86 22.78 7.80
C SER B 12 3.71 23.55 8.81
N TYR B 13 4.85 22.99 9.21
CA TYR B 13 5.74 23.68 10.12
C TYR B 13 6.21 25.00 9.53
N VAL B 14 6.62 24.97 8.26
CA VAL B 14 7.10 26.18 7.60
C VAL B 14 5.95 27.14 7.32
N GLY B 15 4.76 26.60 7.03
CA GLY B 15 3.63 27.46 6.72
C GLY B 15 3.21 28.32 7.89
N GLU B 16 3.15 27.73 9.09
CA GLU B 16 2.81 28.51 10.27
C GLU B 16 3.87 29.58 10.54
N LYS B 17 5.14 29.23 10.38
CA LYS B 17 6.20 30.22 10.53
C LYS B 17 6.03 31.35 9.53
N LEU B 18 5.73 31.00 8.28
CA LEU B 18 5.56 32.02 7.25
C LEU B 18 4.45 33.00 7.63
N ARG B 19 3.34 32.49 8.16
CA ARG B 19 2.20 33.35 8.44
C ARG B 19 2.42 34.19 9.69
N LYS B 20 3.13 33.67 10.69
CA LYS B 20 3.50 34.49 11.83
C LYS B 20 4.33 35.69 11.38
N LYS B 21 5.41 35.43 10.62
CA LYS B 21 6.19 36.52 10.04
C LYS B 21 5.35 37.43 9.15
N GLY B 22 4.22 36.93 8.66
CA GLY B 22 3.30 37.73 7.86
C GLY B 22 3.34 37.48 6.37
N LEU B 23 4.14 36.54 5.91
CA LEU B 23 4.27 36.32 4.47
C LEU B 23 3.09 35.51 3.94
N LYS B 24 2.94 35.55 2.62
CA LYS B 24 1.85 34.87 1.91
C LYS B 24 2.47 34.20 0.68
N ILE B 25 2.97 32.98 0.86
CA ILE B 25 3.69 32.25 -0.18
C ILE B 25 2.71 31.30 -0.83
N ARG B 26 2.88 31.10 -2.14
CA ARG B 26 1.99 30.22 -2.89
C ARG B 26 2.28 28.76 -2.55
N GLY B 27 1.23 28.04 -2.16
CA GLY B 27 1.36 26.71 -1.61
C GLY B 27 1.30 26.67 -0.10
N TYR B 28 1.56 27.79 0.56
CA TYR B 28 1.55 27.91 2.02
C TYR B 28 0.49 28.89 2.48
N GLU B 29 -0.55 29.08 1.66
CA GLU B 29 -1.58 30.08 1.96
C GLU B 29 -2.35 29.74 3.23
N GLY B 30 -2.47 28.47 3.59
CA GLY B 30 -3.25 28.12 4.76
C GLY B 30 -3.03 26.69 5.19
N GLU B 31 -3.64 26.36 6.34
CA GLU B 31 -3.48 25.06 6.98
C GLU B 31 -4.81 24.31 6.91
N GLU B 32 -5.01 23.54 5.85
CA GLU B 32 -6.13 22.61 5.82
C GLU B 32 -5.80 21.26 6.43
N LEU B 33 -4.53 21.02 6.76
CA LEU B 33 -4.13 19.82 7.49
C LEU B 33 -4.99 19.65 8.75
N LYS B 34 -5.38 18.40 9.03
CA LYS B 34 -6.25 18.11 10.16
C LYS B 34 -6.08 16.67 10.66
N PRO B 36 -5.12 13.54 12.88
CA PRO B 36 -4.07 13.05 13.77
C PRO B 36 -2.67 13.44 13.32
N VAL B 37 -2.55 13.83 12.05
CA VAL B 37 -1.25 14.23 11.53
C VAL B 37 -0.88 15.62 12.00
N ILE B 38 -1.87 16.47 12.27
CA ILE B 38 -1.58 17.79 12.82
C ILE B 38 -0.95 17.68 14.20
N GLU B 39 -1.21 16.59 14.92
CA GLU B 39 -0.59 16.41 16.24
C GLU B 39 0.93 16.37 16.13
N ILE B 40 1.45 15.81 15.04
CA ILE B 40 2.88 15.90 14.77
C ILE B 40 3.28 17.36 14.60
N ALA B 41 2.51 18.10 13.79
CA ALA B 41 2.78 19.52 13.58
C ALA B 41 2.78 20.28 14.90
N LYS B 42 1.78 20.03 15.75
CA LYS B 42 1.69 20.74 17.02
C LYS B 42 2.91 20.48 17.89
N THR B 43 3.34 19.21 17.98
CA THR B 43 4.52 18.90 18.78
C THR B 43 5.77 19.55 18.20
N LEU B 44 5.90 19.54 16.86
CA LEU B 44 7.10 20.10 16.24
C LEU B 44 7.18 21.61 16.48
N GLN B 45 6.07 22.33 16.30
CA GLN B 45 6.09 23.77 16.56
C GLN B 45 6.41 24.05 18.02
N ARG B 46 5.86 23.25 18.94
CA ARG B 46 6.07 23.50 20.36
C ARG B 46 7.54 23.30 20.75
N VAL B 47 8.09 22.11 20.47
CA VAL B 47 9.47 21.85 20.87
C VAL B 47 10.45 22.60 19.99
N GLY B 48 10.09 22.82 18.72
CA GLY B 48 10.91 23.69 17.88
C GLY B 48 11.00 25.10 18.43
N ASP B 49 9.87 25.65 18.87
CA ASP B 49 9.88 26.99 19.46
C ASP B 49 10.65 27.03 20.78
N GLU B 50 10.63 25.93 21.55
CA GLU B 50 11.42 25.87 22.78
C GLU B 50 12.90 26.01 22.47
N LEU B 51 13.37 25.33 21.43
CA LEU B 51 14.80 25.28 21.14
C LEU B 51 15.31 26.64 20.66
N GLU B 52 14.54 27.33 19.81
CA GLU B 52 15.01 28.63 19.34
C GLU B 52 14.83 29.72 20.39
N SER B 53 13.77 29.65 21.20
CA SER B 53 13.60 30.63 22.26
C SER B 53 14.66 30.50 23.36
N ALA B 54 15.39 29.39 23.40
CA ALA B 54 16.51 29.22 24.33
C ALA B 54 17.85 29.55 23.68
N ASN B 55 17.87 29.83 22.38
CA ASN B 55 19.07 30.23 21.67
C ASN B 55 18.70 31.31 20.66
N THR B 56 18.02 32.35 21.14
CA THR B 56 17.44 33.34 20.23
C THR B 56 18.50 34.00 19.37
N ASP B 57 19.59 34.46 19.98
CA ASP B 57 20.58 35.23 19.24
C ASP B 57 21.21 34.41 18.12
N PHE B 58 21.31 33.09 18.29
CA PHE B 58 21.83 32.26 17.22
C PHE B 58 20.93 32.34 15.99
N PHE B 59 19.63 32.12 16.18
CA PHE B 59 18.72 32.12 15.03
C PHE B 59 18.46 33.52 14.51
N LYS B 60 18.61 34.54 15.36
CA LYS B 60 18.46 35.91 14.88
C LYS B 60 19.55 36.26 13.88
N ASN B 61 20.76 35.75 14.09
CA ASN B 61 21.91 36.09 13.26
C ASN B 61 22.36 34.94 12.37
N MET B 62 21.53 33.92 12.20
CA MET B 62 21.97 32.75 11.43
C MET B 62 22.21 33.11 9.97
N CYS B 63 21.28 33.84 9.36
CA CYS B 63 21.42 34.16 7.95
C CYS B 63 22.62 35.08 7.72
N ASP B 64 22.87 36.02 8.64
CA ASP B 64 23.99 36.95 8.46
C ASP B 64 25.32 36.22 8.40
N GLN B 65 25.45 35.08 9.09
CA GLN B 65 26.70 34.34 9.06
C GLN B 65 26.82 33.45 7.83
N LEU B 66 25.70 32.89 7.37
CA LEU B 66 25.75 32.01 6.21
C LEU B 66 25.95 32.80 4.92
N GLN B 67 25.39 34.01 4.84
CA GLN B 67 25.51 34.85 3.64
C GLN B 67 25.18 34.03 2.40
N ILE B 68 24.01 33.39 2.44
CA ILE B 68 23.61 32.47 1.40
C ILE B 68 23.41 33.21 0.08
N THR B 69 23.86 32.60 -1.00
CA THR B 69 23.66 33.06 -2.37
C THR B 69 23.07 31.92 -3.17
N PRO B 70 22.61 32.19 -4.39
CA PRO B 70 22.12 31.10 -5.25
C PRO B 70 23.19 30.03 -5.51
N SER B 71 24.47 30.35 -5.32
CA SER B 71 25.52 29.37 -5.53
C SER B 71 25.74 28.47 -4.33
N THR B 72 25.53 28.99 -3.11
CA THR B 72 25.93 28.30 -1.90
C THR B 72 24.76 27.82 -1.05
N ALA B 73 23.51 28.07 -1.47
CA ALA B 73 22.38 27.77 -0.60
C ALA B 73 22.26 26.27 -0.34
N TYR B 74 22.23 25.47 -1.41
CA TYR B 74 22.02 24.03 -1.24
C TYR B 74 23.25 23.37 -0.67
N PRO B 75 24.47 23.66 -1.13
CA PRO B 75 25.64 23.07 -0.48
C PRO B 75 25.76 23.42 0.99
N THR B 76 25.45 24.67 1.35
CA THR B 76 25.46 25.04 2.77
C THR B 76 24.44 24.24 3.55
N PHE B 77 23.26 24.04 2.97
CA PHE B 77 22.24 23.25 3.66
C PHE B 77 22.72 21.82 3.91
N GLN B 78 23.23 21.16 2.86
CA GLN B 78 23.69 19.79 3.00
C GLN B 78 24.82 19.69 4.02
N SER B 79 25.78 20.62 3.96
CA SER B 79 26.93 20.55 4.86
C SER B 79 26.50 20.71 6.31
N ILE B 80 25.61 21.66 6.60
CA ILE B 80 25.18 21.87 7.97
C ILE B 80 24.35 20.70 8.46
N ALA B 81 23.48 20.17 7.60
CA ALA B 81 22.66 19.03 8.01
C ALA B 81 23.52 17.81 8.29
N ASP B 82 24.48 17.52 7.42
CA ASP B 82 25.40 16.41 7.67
C ASP B 82 26.09 16.57 9.02
N GLU B 83 26.54 17.78 9.34
CA GLU B 83 27.27 18.00 10.58
C GLU B 83 26.38 17.86 11.81
N ILE B 84 25.07 18.05 11.67
CA ILE B 84 24.17 17.88 12.80
C ILE B 84 24.15 16.42 13.25
N PHE B 85 24.19 15.49 12.30
CA PHE B 85 24.02 14.07 12.58
C PHE B 85 25.30 13.27 12.39
N VAL B 86 26.45 13.92 12.21
CA VAL B 86 27.67 13.20 11.88
C VAL B 86 28.10 12.29 13.02
N SER B 87 27.87 12.71 14.27
CA SER B 87 28.27 11.94 15.44
C SER B 87 27.10 11.22 16.11
N GLY B 88 25.98 11.09 15.42
CA GLY B 88 24.84 10.33 15.93
C GLY B 88 23.53 11.08 15.75
N LYS B 89 22.45 10.34 16.00
CA LYS B 89 21.09 10.84 15.86
C LYS B 89 20.32 10.68 17.17
N ASN B 90 19.47 11.66 17.46
CA ASN B 90 18.47 11.53 18.52
C ASN B 90 17.35 12.51 18.20
N TRP B 91 16.18 12.28 18.79
CA TRP B 91 15.02 13.08 18.44
C TRP B 91 15.30 14.57 18.61
N GLY B 92 16.11 14.93 19.60
CA GLY B 92 16.44 16.34 19.79
C GLY B 92 17.18 16.91 18.60
N ARG B 93 18.08 16.13 18.00
CA ARG B 93 18.81 16.61 16.84
C ARG B 93 17.91 16.69 15.62
N VAL B 94 16.95 15.77 15.48
CA VAL B 94 15.97 15.89 14.41
C VAL B 94 15.26 17.24 14.50
N VAL B 95 14.90 17.64 15.72
CA VAL B 95 14.23 18.93 15.90
C VAL B 95 15.17 20.06 15.52
N ALA B 96 16.41 20.03 16.05
CA ALA B 96 17.38 21.06 15.70
C ALA B 96 17.50 21.21 14.19
N PHE B 97 17.46 20.10 13.47
CA PHE B 97 17.59 20.13 12.01
C PHE B 97 16.37 20.77 11.38
N LEU B 98 15.18 20.54 11.94
CA LEU B 98 13.96 21.12 11.37
C LEU B 98 13.86 22.61 11.70
N THR B 99 14.30 23.01 12.89
CA THR B 99 14.28 24.45 13.20
C THR B 99 15.32 25.19 12.36
N PHE B 100 16.46 24.57 12.09
CA PHE B 100 17.42 25.14 11.16
C PHE B 100 16.80 25.27 9.77
N GLY B 101 16.14 24.21 9.29
CA GLY B 101 15.53 24.26 7.98
C GLY B 101 14.42 25.29 7.90
N GLY B 102 13.53 25.31 8.90
CA GLY B 102 12.44 26.26 8.88
C GLY B 102 12.94 27.70 8.81
N ASN B 103 13.86 28.06 9.71
CA ASN B 103 14.46 29.38 9.66
C ASN B 103 15.22 29.59 8.35
N PHE B 104 15.80 28.53 7.80
CA PHE B 104 16.51 28.64 6.54
C PHE B 104 15.55 28.99 5.40
N ALA B 105 14.35 28.39 5.41
CA ALA B 105 13.38 28.65 4.35
C ALA B 105 12.63 29.96 4.57
N VAL B 106 12.37 30.33 5.82
CA VAL B 106 11.55 31.50 6.09
C VAL B 106 12.38 32.77 6.02
N HIS B 107 13.60 32.73 6.54
CA HIS B 107 14.38 33.96 6.67
C HIS B 107 15.45 34.08 5.60
N CYS B 108 16.43 33.17 5.60
CA CYS B 108 17.54 33.33 4.67
C CYS B 108 17.08 33.19 3.22
N ALA B 109 16.01 32.43 2.98
CA ALA B 109 15.57 32.18 1.61
C ALA B 109 14.81 33.37 1.01
N LEU B 110 14.28 34.26 1.84
CA LEU B 110 13.53 35.42 1.36
C LEU B 110 14.35 36.70 1.40
N ARG B 111 15.65 36.60 1.64
CA ARG B 111 16.55 37.75 1.50
C ARG B 111 16.40 38.32 0.09
N ALA B 112 16.89 39.55 -0.13
CA ALA B 112 16.69 40.21 -1.41
C ALA B 112 17.26 39.37 -2.56
N ASP B 113 18.47 38.84 -2.40
CA ASP B 113 19.15 38.10 -3.46
C ASP B 113 18.63 36.67 -3.60
N MET B 114 17.56 36.31 -2.90
CA MET B 114 16.92 35.00 -3.04
C MET B 114 15.41 35.20 -3.05
N GLY B 115 14.73 34.69 -4.06
CA GLY B 115 13.31 34.94 -4.21
C GLY B 115 12.44 33.99 -3.41
N GLU B 116 11.12 34.23 -3.50
CA GLU B 116 10.15 33.34 -2.87
C GLU B 116 10.26 31.90 -3.35
N GLU B 117 10.83 31.69 -4.55
CA GLU B 117 10.90 30.35 -5.09
C GLU B 117 11.77 29.42 -4.24
N TYR B 118 12.62 29.98 -3.38
CA TYR B 118 13.50 29.17 -2.55
C TYR B 118 12.79 28.59 -1.33
N VAL B 119 11.61 29.08 -0.97
CA VAL B 119 10.86 28.49 0.14
C VAL B 119 10.55 27.03 -0.17
N ASP B 120 9.87 26.78 -1.30
CA ASP B 120 9.51 25.42 -1.65
C ASP B 120 10.73 24.55 -1.95
N ARG B 121 11.78 25.15 -2.52
CA ARG B 121 13.03 24.41 -2.74
C ARG B 121 13.60 23.90 -1.42
N VAL B 122 13.70 24.78 -0.42
CA VAL B 122 14.28 24.38 0.86
C VAL B 122 13.41 23.33 1.53
N VAL B 123 12.09 23.50 1.47
CA VAL B 123 11.20 22.47 2.02
C VAL B 123 11.46 21.14 1.35
N ASN B 124 11.71 21.14 0.04
CA ASN B 124 12.05 19.90 -0.65
C ASN B 124 13.41 19.36 -0.21
N TRP B 125 14.39 20.26 -0.05
CA TRP B 125 15.69 19.82 0.45
C TRP B 125 15.56 19.16 1.82
N ILE B 126 14.79 19.79 2.72
CA ILE B 126 14.58 19.23 4.05
C ILE B 126 13.91 17.87 3.93
N SER B 127 12.86 17.78 3.12
CA SER B 127 12.12 16.53 3.00
C SER B 127 13.00 15.43 2.42
N LYS B 128 13.69 15.72 1.31
CA LYS B 128 14.57 14.72 0.71
C LYS B 128 15.62 14.26 1.71
N TYR B 129 16.16 15.19 2.51
CA TYR B 129 17.20 14.82 3.46
C TYR B 129 16.67 13.83 4.49
N MET B 130 15.48 14.08 5.03
CA MET B 130 14.90 13.16 6.01
C MET B 130 14.66 11.79 5.39
N ALA B 131 14.09 11.77 4.18
CA ALA B 131 13.76 10.49 3.55
C ALA B 131 15.01 9.69 3.19
N VAL B 132 16.10 10.37 2.86
CA VAL B 132 17.31 9.69 2.41
C VAL B 132 18.22 9.34 3.58
N ASN B 133 18.40 10.27 4.52
CA ASN B 133 19.39 10.11 5.56
C ASN B 133 18.81 9.77 6.93
N LEU B 134 17.56 10.15 7.20
CA LEU B 134 17.00 9.98 8.53
C LEU B 134 15.92 8.91 8.62
N ASP B 135 15.39 8.45 7.49
CA ASP B 135 14.22 7.57 7.54
C ASP B 135 14.52 6.26 8.27
N TYR B 136 15.75 5.74 8.16
CA TYR B 136 16.05 4.48 8.80
C TYR B 136 16.00 4.62 10.32
N TRP B 137 16.70 5.62 10.86
CA TRP B 137 16.72 5.81 12.31
C TRP B 137 15.32 6.13 12.82
N ILE B 138 14.56 6.94 12.08
CA ILE B 138 13.24 7.35 12.56
C ILE B 138 12.32 6.14 12.69
N ASN B 139 12.31 5.26 11.70
CA ASN B 139 11.47 4.07 11.80
C ASN B 139 12.02 3.08 12.81
N GLN B 140 13.32 3.13 13.10
CA GLN B 140 13.87 2.33 14.19
C GLN B 140 13.26 2.73 15.52
N GLN B 141 13.11 4.03 15.75
CA GLN B 141 12.58 4.55 17.00
C GLN B 141 11.06 4.67 16.98
N GLY B 142 10.39 3.95 16.08
CA GLY B 142 8.94 3.93 16.05
C GLY B 142 8.29 4.98 15.18
N GLY B 143 9.04 5.61 14.29
CA GLY B 143 8.44 6.59 13.41
C GLY B 143 7.92 7.81 14.16
N TRP B 144 7.01 8.54 13.51
CA TRP B 144 6.46 9.75 14.10
C TRP B 144 5.73 9.46 15.41
N ASP B 145 5.10 8.28 15.52
CA ASP B 145 4.49 7.90 16.80
C ASP B 145 5.51 7.98 17.93
N GLY B 146 6.74 7.51 17.68
CA GLY B 146 7.78 7.61 18.70
C GLY B 146 8.17 9.06 18.98
N PHE B 147 8.31 9.85 17.92
CA PHE B 147 8.53 11.29 18.07
C PHE B 147 7.52 11.90 19.03
N LEU B 148 6.24 11.53 18.88
CA LEU B 148 5.20 12.10 19.73
C LEU B 148 5.37 11.66 21.18
N ILE B 149 5.55 10.36 21.40
CA ILE B 149 5.69 9.85 22.76
C ILE B 149 6.89 10.46 23.45
N PHE B 150 7.99 10.65 22.71
CA PHE B 150 9.24 11.10 23.34
C PHE B 150 9.11 12.53 23.86
N PHE B 151 8.42 13.40 23.11
CA PHE B 151 8.19 14.77 23.51
C PHE B 151 6.84 14.96 24.19
N GLU B 152 6.32 13.89 24.82
CA GLU B 152 5.06 13.86 25.56
C GLU B 152 3.91 13.44 24.65
N THR C 5 29.32 27.11 9.21
CA THR C 5 28.86 25.98 8.41
C THR C 5 29.25 24.67 9.08
N GLU C 6 30.55 24.45 9.28
CA GLU C 6 30.99 23.30 10.08
C GLU C 6 30.58 23.49 11.53
N ASN C 7 30.99 24.60 12.14
CA ASN C 7 30.66 24.83 13.55
C ASN C 7 29.20 25.23 13.74
N LEU C 8 28.54 25.70 12.70
CA LEU C 8 27.10 25.95 12.81
C LEU C 8 26.33 24.66 12.99
N GLY C 9 26.68 23.62 12.22
CA GLY C 9 26.06 22.33 12.41
C GLY C 9 26.42 21.69 13.74
N ARG C 10 27.65 21.91 14.22
CA ARG C 10 28.02 21.37 15.52
C ARG C 10 27.29 22.09 16.65
N VAL C 11 27.08 23.40 16.53
CA VAL C 11 26.34 24.13 17.54
C VAL C 11 24.87 23.71 17.53
N LEU C 12 24.31 23.44 16.35
CA LEU C 12 22.93 22.99 16.27
C LEU C 12 22.76 21.62 16.89
N ALA C 13 23.75 20.74 16.72
CA ALA C 13 23.68 19.42 17.33
C ALA C 13 23.75 19.51 18.85
N SER C 14 24.49 20.48 19.38
CA SER C 14 24.50 20.68 20.83
C SER C 14 23.15 21.22 21.30
N PHE C 15 22.53 22.10 20.50
CA PHE C 15 21.19 22.56 20.81
C PHE C 15 20.21 21.39 20.84
N GLY C 16 20.33 20.47 19.89
CA GLY C 16 19.47 19.30 19.89
C GLY C 16 19.75 18.37 21.06
N ASP C 17 21.01 18.30 21.50
CA ASP C 17 21.33 17.46 22.66
C ASP C 17 20.71 18.03 23.93
N GLU C 18 20.75 19.36 24.08
CA GLU C 18 20.14 19.97 25.26
C GLU C 18 18.66 19.65 25.35
N ILE C 19 17.98 19.60 24.20
CA ILE C 19 16.56 19.29 24.18
C ILE C 19 16.32 17.80 24.44
N ASN C 20 17.13 16.94 23.83
CA ASN C 20 17.00 15.51 24.07
C ASN C 20 17.26 15.17 25.54
N ASP C 21 18.26 15.82 26.14
CA ASP C 21 18.55 15.60 27.55
C ASP C 21 17.37 15.98 28.44
N LYS C 22 16.62 17.02 28.06
CA LYS C 22 15.50 17.46 28.88
C LYS C 22 14.38 16.43 28.89
N TYR C 23 13.93 16.01 27.70
CA TYR C 23 12.77 15.13 27.58
C TYR C 23 13.12 13.67 27.86
N ARG C 24 14.39 13.32 27.88
CA ARG C 24 14.81 11.98 28.29
C ARG C 24 14.06 11.56 29.55
N GLN C 25 13.31 10.47 29.43
CA GLN C 25 12.72 9.80 30.60
C GLN C 25 13.50 8.55 30.96
N VAL C 26 14.01 7.84 29.96
CA VAL C 26 14.91 6.73 30.13
C VAL C 26 14.49 5.80 31.25
C1 GLC D . -2.34 -0.27 -9.14
C2 GLC D . -2.54 -0.23 -7.63
C3 GLC D . -1.54 -1.08 -6.94
C4 GLC D . -1.55 -2.38 -7.73
C5 GLC D . -0.75 -2.14 -8.99
C6 GLC D . -1.15 -3.06 -10.09
O1 GLC D . -2.52 0.94 -9.69
O2 GLC D . -2.43 1.13 -7.11
O3 GLC D . -1.88 -1.33 -5.60
O4 GLC D . -1.05 -3.37 -6.85
O5 GLC D . -0.94 -0.77 -9.50
O6 GLC D . -0.48 -2.73 -11.25
H1 GLC D . -3.01 -0.86 -9.51
H2 GLC D . -3.44 -0.53 -7.44
H3 GLC D . -0.66 -0.65 -6.88
H4 GLC D . -2.42 -2.70 -8.01
H5 GLC D . 0.18 -2.33 -8.78
H61 GLC D . -2.10 -2.98 -10.22
H62 GLC D . -0.93 -3.97 -9.83
HO1 GLC D . -2.65 1.50 -9.08
HO2 GLC D . -1.64 1.39 -7.19
HO3 GLC D . -1.21 -1.27 -5.08
HO6 GLC D . -0.23 -1.91 -11.23
C1 GLC D . -1.93 -4.40 -6.76
C2 GLC D . -2.56 -4.57 -5.37
C3 GLC D . -2.82 -6.03 -5.17
C4 GLC D . -3.39 -6.54 -6.47
C5 GLC D . -2.22 -6.68 -7.46
C6 GLC D . -2.64 -6.42 -8.86
O2 GLC D . -1.75 -4.08 -4.34
O3 GLC D . -3.75 -6.27 -4.11
O4 GLC D . -4.09 -7.74 -6.18
O5 GLC D . -1.19 -5.68 -7.12
O6 GLC D . -1.51 -6.43 -9.70
H1 GLC D . -2.63 -4.17 -7.37
H2 GLC D . -3.36 -4.03 -5.31
H3 GLC D . -2.02 -6.49 -4.90
H4 GLC D . -4.04 -5.97 -6.90
H5 GLC D . -1.90 -7.60 -7.43
H61 GLC D . -3.07 -5.56 -8.91
H62 GLC D . -3.26 -7.12 -9.14
HO2 GLC D . -1.40 -3.34 -4.58
HO3 GLC D . -3.56 -6.99 -3.70
HO6 GLC D . -0.95 -7.01 -9.42
C1 GLC D . -5.43 -7.59 -6.41
C2 GLC D . -6.26 -8.15 -5.24
C3 GLC D . -7.52 -8.79 -5.73
C4 GLC D . -8.03 -8.02 -6.94
C5 GLC D . -7.10 -8.32 -8.14
C6 GLC D . -7.31 -7.34 -9.26
O2 GLC D . -5.50 -9.11 -4.52
O3 GLC D . -8.51 -8.80 -4.67
O4 GLC D . -9.33 -8.41 -7.24
O5 GLC D . -5.69 -8.28 -7.74
O6 GLC D . -6.07 -7.21 -10.00
H1 GLC D . -5.67 -6.65 -6.45
H2 GLC D . -6.47 -7.43 -4.65
H3 GLC D . -7.37 -9.71 -5.96
H4 GLC D . -8.05 -7.07 -6.76
H5 GLC D . -7.35 -9.20 -8.47
H61 GLC D . -8.01 -7.68 -9.85
H62 GLC D . -7.57 -6.48 -8.90
HO2 GLC D . -4.75 -8.79 -4.31
HO3 GLC D . -8.31 -9.40 -4.10
HO4 GLC D . -9.41 -8.50 -8.08
HO6 GLC D . -5.92 -6.39 -10.18
C ACT E . 25.74 14.78 0.95
O ACT E . 25.60 15.29 2.09
OXT ACT E . 26.44 13.78 0.63
CH3 ACT E . 24.95 15.50 -0.22
H1 ACT E . 24.00 15.50 -0.01
H2 ACT E . 25.10 15.03 -1.05
H3 ACT E . 25.25 16.41 -0.29
C ACT F . 13.55 36.76 -8.24
O ACT F . 13.18 36.41 -9.39
OXT ACT F . 13.13 36.32 -7.12
CH3 ACT F . 14.67 37.87 -8.20
H1 ACT F . 14.34 38.67 -8.65
H2 ACT F . 15.46 37.54 -8.64
H3 ACT F . 14.88 38.09 -7.28
#